data_6ARI
#
_entry.id   6ARI
#
_cell.length_a   63.720
_cell.length_b   63.720
_cell.length_c   221.080
_cell.angle_alpha   90.000
_cell.angle_beta   90.000
_cell.angle_gamma   120.000
#
_symmetry.space_group_name_H-M   'P 32 2 1'
#
loop_
_entity.id
_entity.type
_entity.pdbx_description
1 polymer 'Dephospho-CoA kinase'
2 non-polymer 'CITRIC ACID'
3 non-polymer N-(methylsulfonyl)-3-{[(thiophen-2-yl)sulfanyl]methyl}benzamide
4 non-polymer 1,2-ETHANEDIOL
5 water water
#
_entity_poly.entity_id   1
_entity_poly.type   'polypeptide(L)'
_entity_poly.pdbx_seq_one_letter_code
;MRYIVALTGGIGSGKSTVANAFADLGINVIDADIIARQVVEPGAPALHAIADHFGANMIAADGTLQRRALRERIFANPEE
KNWLNALLHPLIQQETQHQIQQATSPYVLWVVPLLVENSLYKKANRVLVVDVSPETQLKRTMQRDDVTREHVEQILAAQA
TREARLAVADDVIDNNGAPDAIASDVARLHAHYLQLASQFVSQEKPGSHHHHHH
;
_entity_poly.pdbx_strand_id   A,B
#
loop_
_chem_comp.id
_chem_comp.type
_chem_comp.name
_chem_comp.formula
BQV non-polymer N-(methylsulfonyl)-3-{[(thiophen-2-yl)sulfanyl]methyl}benzamide 'C13 H13 N O3 S3'
CIT non-polymer 'CITRIC ACID' 'C6 H8 O7'
EDO non-polymer 1,2-ETHANEDIOL 'C2 H6 O2'
#
# COMPACT_ATOMS: atom_id res chain seq x y z
N MET A 1 25.23 13.91 -8.00
CA MET A 1 24.95 13.33 -6.68
C MET A 1 23.45 13.21 -6.45
N ARG A 2 22.95 11.98 -6.58
CA ARG A 2 21.53 11.75 -6.37
C ARG A 2 21.16 11.97 -4.91
N TYR A 3 19.96 12.53 -4.68
CA TYR A 3 19.48 12.79 -3.34
C TYR A 3 19.27 11.49 -2.58
N ILE A 4 19.81 11.41 -1.36
CA ILE A 4 19.82 10.18 -0.58
C ILE A 4 19.02 10.37 0.70
N VAL A 5 17.99 9.55 0.89
CA VAL A 5 17.25 9.47 2.14
C VAL A 5 17.66 8.17 2.82
N ALA A 6 18.28 8.29 3.98
CA ALA A 6 18.66 7.12 4.75
C ALA A 6 17.46 6.67 5.58
N LEU A 7 17.16 5.38 5.54
CA LEU A 7 16.17 4.75 6.40
CA LEU A 7 16.16 4.76 6.41
C LEU A 7 16.89 3.95 7.47
N THR A 8 16.56 4.20 8.74
CA THR A 8 17.19 3.41 9.79
C THR A 8 16.18 3.12 10.88
N GLY A 9 16.55 2.19 11.77
CA GLY A 9 15.71 1.72 12.84
C GLY A 9 16.34 0.51 13.49
N GLY A 10 15.93 0.18 14.71
CA GLY A 10 16.51 -0.94 15.42
C GLY A 10 16.04 -2.28 14.91
N ILE A 11 16.57 -3.34 15.54
CA ILE A 11 16.11 -4.68 15.23
C ILE A 11 14.62 -4.78 15.54
N GLY A 12 13.87 -5.40 14.65
CA GLY A 12 12.45 -5.55 14.89
C GLY A 12 11.63 -4.29 14.65
N SER A 13 12.18 -3.28 14.01
CA SER A 13 11.40 -2.09 13.70
C SER A 13 10.53 -2.28 12.47
N GLY A 14 10.65 -3.40 11.75
CA GLY A 14 9.82 -3.62 10.59
C GLY A 14 10.17 -2.71 9.44
N LYS A 15 11.47 -2.44 9.26
CA LYS A 15 11.95 -1.47 8.28
C LYS A 15 11.50 -1.83 6.88
N SER A 16 11.41 -3.13 6.57
CA SER A 16 11.02 -3.54 5.22
CA SER A 16 11.03 -3.52 5.22
C SER A 16 9.63 -3.04 4.87
N THR A 17 8.73 -2.94 5.87
CA THR A 17 7.40 -2.43 5.61
C THR A 17 7.46 -1.01 5.08
N VAL A 18 8.31 -0.18 5.67
CA VAL A 18 8.46 1.20 5.20
C VAL A 18 9.18 1.22 3.85
N ALA A 19 10.28 0.45 3.73
CA ALA A 19 11.03 0.43 2.47
C ALA A 19 10.17 -0.04 1.31
N ASN A 20 9.38 -1.10 1.51
CA ASN A 20 8.51 -1.58 0.43
C ASN A 20 7.53 -0.50 -0.02
N ALA A 21 7.06 0.34 0.89
CA ALA A 21 6.11 1.37 0.48
C ALA A 21 6.78 2.39 -0.43
N PHE A 22 8.04 2.76 -0.13
CA PHE A 22 8.76 3.62 -1.05
C PHE A 22 9.04 2.91 -2.37
N ALA A 23 9.39 1.62 -2.32
CA ALA A 23 9.60 0.87 -3.55
C ALA A 23 8.33 0.88 -4.41
N ASP A 24 7.17 0.74 -3.77
CA ASP A 24 5.91 0.73 -4.52
C ASP A 24 5.65 2.07 -5.19
N LEU A 25 6.22 3.16 -4.66
CA LEU A 25 6.14 4.47 -5.28
C LEU A 25 7.23 4.69 -6.32
N GLY A 26 7.97 3.64 -6.68
CA GLY A 26 8.97 3.74 -7.71
C GLY A 26 10.35 4.17 -7.26
N ILE A 27 10.61 4.17 -5.96
CA ILE A 27 11.92 4.58 -5.44
C ILE A 27 12.86 3.38 -5.46
N ASN A 28 14.06 3.58 -5.99
CA ASN A 28 15.10 2.58 -5.87
C ASN A 28 15.56 2.49 -4.42
N VAL A 29 15.52 1.29 -3.86
CA VAL A 29 15.94 1.04 -2.49
C VAL A 29 17.30 0.36 -2.52
N ILE A 30 18.27 0.94 -1.82
CA ILE A 30 19.64 0.42 -1.76
C ILE A 30 19.87 -0.02 -0.32
N ASP A 31 20.08 -1.33 -0.14
CA ASP A 31 20.12 -1.94 1.19
C ASP A 31 21.57 -2.15 1.60
N ALA A 32 22.00 -1.41 2.62
CA ALA A 32 23.39 -1.48 3.06
C ALA A 32 23.75 -2.87 3.57
N ASP A 33 22.81 -3.55 4.24
CA ASP A 33 23.12 -4.88 4.77
C ASP A 33 23.30 -5.90 3.65
N ILE A 34 22.43 -5.85 2.64
CA ILE A 34 22.56 -6.73 1.49
C ILE A 34 23.89 -6.48 0.79
N ILE A 35 24.28 -5.22 0.65
CA ILE A 35 25.54 -4.92 -0.04
C ILE A 35 26.73 -5.42 0.77
N ALA A 36 26.72 -5.20 2.08
CA ALA A 36 27.83 -5.68 2.91
C ALA A 36 27.92 -7.20 2.86
N ARG A 37 26.80 -7.90 2.91
CA ARG A 37 26.83 -9.36 2.81
C ARG A 37 27.30 -9.81 1.44
N GLN A 38 26.87 -9.11 0.39
CA GLN A 38 27.29 -9.45 -0.98
C GLN A 38 28.81 -9.36 -1.15
N VAL A 39 29.43 -8.32 -0.56
CA VAL A 39 30.87 -8.12 -0.74
C VAL A 39 31.68 -9.26 -0.12
N VAL A 40 31.15 -9.96 0.87
CA VAL A 40 31.88 -11.05 1.51
C VAL A 40 31.19 -12.40 1.31
N GLU A 41 30.30 -12.52 0.33
CA GLU A 41 29.60 -13.78 0.11
C GLU A 41 30.58 -14.81 -0.47
N PRO A 42 30.25 -16.11 -0.37
CA PRO A 42 31.10 -17.14 -0.96
C PRO A 42 31.46 -16.83 -2.41
N GLY A 43 32.73 -17.03 -2.75
CA GLY A 43 33.25 -16.71 -4.06
C GLY A 43 33.64 -15.26 -4.26
N ALA A 44 33.30 -14.36 -3.35
CA ALA A 44 33.60 -12.95 -3.55
C ALA A 44 35.08 -12.67 -3.29
N PRO A 45 35.70 -11.77 -4.06
CA PRO A 45 37.13 -11.48 -3.85
C PRO A 45 37.48 -11.07 -2.43
N ALA A 46 36.64 -10.26 -1.77
CA ALA A 46 36.98 -9.83 -0.41
C ALA A 46 37.00 -11.01 0.55
N LEU A 47 36.11 -11.98 0.35
CA LEU A 47 36.13 -13.16 1.22
C LEU A 47 37.40 -13.96 1.02
N HIS A 48 37.83 -14.18 -0.23
CA HIS A 48 39.11 -14.84 -0.47
C HIS A 48 40.26 -14.06 0.17
N ALA A 49 40.23 -12.73 0.10
CA ALA A 49 41.33 -11.95 0.67
C ALA A 49 41.33 -12.09 2.19
N ILE A 50 40.15 -12.06 2.80
CA ILE A 50 40.04 -12.23 4.25
C ILE A 50 40.55 -13.60 4.67
N ALA A 51 40.14 -14.66 3.95
CA ALA A 51 40.60 -15.99 4.31
C ALA A 51 42.12 -16.12 4.13
N ASP A 52 42.67 -15.52 3.05
CA ASP A 52 44.12 -15.57 2.86
C ASP A 52 44.85 -14.84 3.96
N HIS A 53 44.30 -13.70 4.40
CA HIS A 53 44.99 -12.84 5.35
C HIS A 53 44.88 -13.39 6.77
N PHE A 54 43.69 -13.83 7.17
CA PHE A 54 43.42 -14.23 8.54
C PHE A 54 43.37 -15.75 8.75
N GLY A 55 43.20 -16.55 7.71
CA GLY A 55 43.20 -17.99 7.85
C GLY A 55 41.83 -18.59 7.56
N ALA A 56 41.83 -19.92 7.38
CA ALA A 56 40.63 -20.63 6.96
C ALA A 56 39.56 -20.69 8.04
N ASN A 57 39.92 -20.43 9.30
CA ASN A 57 38.93 -20.29 10.36
C ASN A 57 37.96 -19.14 10.14
N MET A 58 38.25 -18.25 9.19
CA MET A 58 37.27 -17.22 8.89
C MET A 58 36.10 -17.73 8.05
N ILE A 59 36.12 -18.99 7.64
CA ILE A 59 35.07 -19.55 6.77
C ILE A 59 34.22 -20.53 7.55
N ALA A 60 32.90 -20.35 7.49
CA ALA A 60 31.98 -21.21 8.23
C ALA A 60 31.69 -22.50 7.47
N ALA A 61 30.96 -23.39 8.14
CA ALA A 61 30.66 -24.70 7.55
C ALA A 61 29.91 -24.57 6.22
N ASP A 62 29.07 -23.55 6.07
CA ASP A 62 28.34 -23.36 4.83
C ASP A 62 29.10 -22.50 3.84
N GLY A 63 30.37 -22.19 4.12
CA GLY A 63 31.21 -21.43 3.21
C GLY A 63 31.13 -19.93 3.38
N THR A 64 30.23 -19.43 4.23
CA THR A 64 30.11 -18.00 4.40
C THR A 64 31.13 -17.50 5.42
N LEU A 65 31.24 -16.18 5.52
CA LEU A 65 32.15 -15.58 6.49
C LEU A 65 31.71 -15.89 7.91
N GLN A 66 32.65 -16.38 8.71
CA GLN A 66 32.42 -16.57 10.14
C GLN A 66 32.58 -15.22 10.81
N ARG A 67 31.47 -14.48 10.92
CA ARG A 67 31.58 -13.07 11.31
C ARG A 67 32.06 -12.92 12.75
N ARG A 68 31.67 -13.85 13.63
CA ARG A 68 32.11 -13.76 15.02
C ARG A 68 33.61 -14.02 15.12
N ALA A 69 34.12 -15.01 14.40
CA ALA A 69 35.55 -15.29 14.42
C ALA A 69 36.36 -14.08 13.95
N LEU A 70 35.92 -13.43 12.87
CA LEU A 70 36.63 -12.25 12.37
C LEU A 70 36.63 -11.13 13.40
N ARG A 71 35.45 -10.83 13.97
CA ARG A 71 35.35 -9.79 14.98
C ARG A 71 36.28 -10.06 16.16
N GLU A 72 36.28 -11.31 16.65
CA GLU A 72 37.18 -11.67 17.74
C GLU A 72 38.64 -11.49 17.33
N ARG A 73 38.98 -11.90 16.11
CA ARG A 73 40.36 -11.82 15.66
C ARG A 73 40.84 -10.37 15.58
N ILE A 74 40.04 -9.47 14.99
CA ILE A 74 40.44 -8.08 14.87
C ILE A 74 40.18 -7.27 16.14
N PHE A 75 39.48 -7.86 17.10
CA PHE A 75 39.18 -7.17 18.35
C PHE A 75 40.47 -6.81 19.06
N ALA A 76 40.61 -5.53 19.37
CA ALA A 76 41.77 -4.93 20.03
C ALA A 76 43.08 -5.11 19.26
N ASN A 77 43.03 -5.55 17.99
CA ASN A 77 44.19 -5.50 17.12
C ASN A 77 43.97 -4.36 16.12
N PRO A 78 44.37 -3.14 16.46
CA PRO A 78 44.05 -2.00 15.59
C PRO A 78 44.60 -2.15 14.19
N GLU A 79 45.82 -2.67 14.05
CA GLU A 79 46.39 -2.86 12.72
C GLU A 79 45.48 -3.72 11.86
N GLU A 80 44.96 -4.82 12.42
CA GLU A 80 44.12 -5.70 11.62
C GLU A 80 42.75 -5.11 11.39
N LYS A 81 42.22 -4.35 12.35
CA LYS A 81 40.97 -3.63 12.10
C LYS A 81 41.14 -2.59 11.00
N ASN A 82 42.30 -1.92 10.99
CA ASN A 82 42.58 -0.96 9.93
C ASN A 82 42.71 -1.65 8.58
N TRP A 83 43.36 -2.82 8.54
CA TRP A 83 43.44 -3.60 7.31
C TRP A 83 42.05 -4.00 6.81
N LEU A 84 41.20 -4.49 7.73
CA LEU A 84 39.89 -4.96 7.30
C LEU A 84 39.02 -3.81 6.78
N ASN A 85 39.06 -2.66 7.46
CA ASN A 85 38.37 -1.47 6.97
C ASN A 85 38.91 -1.01 5.62
N ALA A 86 40.24 -1.04 5.44
CA ALA A 86 40.82 -0.63 4.16
C ALA A 86 40.42 -1.57 3.03
N LEU A 87 40.04 -2.81 3.33
CA LEU A 87 39.55 -3.72 2.30
C LEU A 87 38.06 -3.49 2.04
N LEU A 88 37.25 -3.52 3.09
CA LEU A 88 35.80 -3.59 2.92
C LEU A 88 35.17 -2.23 2.64
N HIS A 89 35.66 -1.16 3.27
CA HIS A 89 35.03 0.14 3.09
CA HIS A 89 35.02 0.13 3.08
C HIS A 89 35.05 0.60 1.64
N PRO A 90 36.17 0.56 0.91
CA PRO A 90 36.10 0.96 -0.51
C PRO A 90 35.20 0.04 -1.32
N LEU A 91 35.23 -1.26 -1.05
CA LEU A 91 34.40 -2.18 -1.83
C LEU A 91 32.92 -1.92 -1.60
N ILE A 92 32.54 -1.67 -0.35
CA ILE A 92 31.14 -1.40 -0.04
C ILE A 92 30.74 -0.04 -0.59
N GLN A 93 31.58 0.97 -0.39
CA GLN A 93 31.26 2.29 -0.91
C GLN A 93 31.12 2.28 -2.43
N GLN A 94 31.98 1.52 -3.12
CA GLN A 94 31.92 1.49 -4.57
C GLN A 94 30.66 0.79 -5.07
N GLU A 95 30.26 -0.29 -4.41
CA GLU A 95 29.02 -0.94 -4.83
C GLU A 95 27.81 -0.05 -4.52
N THR A 96 27.82 0.59 -3.35
CA THR A 96 26.72 1.49 -3.00
C THR A 96 26.59 2.62 -4.00
N GLN A 97 27.71 3.28 -4.30
CA GLN A 97 27.72 4.39 -5.26
C GLN A 97 27.29 3.93 -6.65
N HIS A 98 27.70 2.75 -7.05
CA HIS A 98 27.25 2.20 -8.33
C HIS A 98 25.72 2.05 -8.35
N GLN A 99 25.14 1.50 -7.29
CA GLN A 99 23.69 1.34 -7.28
C GLN A 99 22.98 2.68 -7.28
N ILE A 100 23.55 3.68 -6.62
CA ILE A 100 22.94 5.02 -6.63
C ILE A 100 22.97 5.60 -8.02
N GLN A 101 24.10 5.46 -8.72
CA GLN A 101 24.24 6.01 -10.06
C GLN A 101 23.31 5.32 -11.05
N GLN A 102 23.10 4.02 -10.87
CA GLN A 102 22.21 3.27 -11.75
C GLN A 102 20.73 3.53 -11.44
N ALA A 103 20.41 4.02 -10.26
CA ALA A 103 19.02 4.26 -9.91
C ALA A 103 18.37 5.21 -10.90
N THR A 104 17.06 5.05 -11.08
CA THR A 104 16.30 5.92 -11.95
C THR A 104 15.31 6.83 -11.22
N SER A 105 15.13 6.65 -9.92
CA SER A 105 14.15 7.45 -9.18
C SER A 105 14.71 8.83 -8.82
N PRO A 106 13.84 9.81 -8.57
CA PRO A 106 14.34 11.16 -8.27
C PRO A 106 15.17 11.24 -7.01
N TYR A 107 14.95 10.35 -6.04
CA TYR A 107 15.82 10.20 -4.88
C TYR A 107 15.94 8.72 -4.60
N VAL A 108 16.89 8.33 -3.74
CA VAL A 108 17.01 6.93 -3.38
C VAL A 108 16.78 6.76 -1.89
N LEU A 109 16.36 5.56 -1.53
CA LEU A 109 16.18 5.16 -0.14
C LEU A 109 17.32 4.22 0.22
N TRP A 110 18.19 4.67 1.11
CA TRP A 110 19.36 3.92 1.53
C TRP A 110 19.07 3.34 2.91
N VAL A 111 18.88 2.03 2.98
CA VAL A 111 18.43 1.38 4.20
C VAL A 111 19.65 0.95 5.00
N VAL A 112 19.85 1.58 6.17
CA VAL A 112 21.09 1.38 6.91
C VAL A 112 20.76 1.08 8.37
N PRO A 113 20.65 -0.21 8.76
CA PRO A 113 20.31 -0.51 10.16
C PRO A 113 21.24 0.12 11.19
N LEU A 114 22.53 0.22 10.90
CA LEU A 114 23.50 0.74 11.86
C LEU A 114 23.93 2.16 11.53
N LEU A 115 23.00 2.96 11.02
CA LEU A 115 23.31 4.34 10.63
C LEU A 115 23.86 5.14 11.81
N VAL A 116 23.16 5.08 12.94
CA VAL A 116 23.58 5.81 14.12
C VAL A 116 24.86 5.19 14.68
N GLU A 117 24.85 3.86 14.87
CA GLU A 117 25.95 3.18 15.52
C GLU A 117 27.28 3.44 14.82
N ASN A 118 27.26 3.57 13.50
CA ASN A 118 28.48 3.76 12.71
C ASN A 118 28.65 5.19 12.21
N SER A 119 27.87 6.13 12.73
CA SER A 119 28.02 7.56 12.40
C SER A 119 27.98 7.80 10.89
N LEU A 120 27.06 7.12 10.21
CA LEU A 120 26.97 7.19 8.76
C LEU A 120 25.92 8.20 8.29
N TYR A 121 25.19 8.82 9.21
CA TYR A 121 24.09 9.70 8.83
C TYR A 121 24.58 10.89 8.02
N LYS A 122 25.82 11.33 8.22
CA LYS A 122 26.34 12.47 7.46
C LYS A 122 26.50 12.16 5.98
N LYS A 123 26.36 10.90 5.58
CA LYS A 123 26.41 10.52 4.18
C LYS A 123 25.08 10.68 3.46
N ALA A 124 24.01 10.96 4.19
CA ALA A 124 22.70 11.09 3.57
C ALA A 124 22.27 12.56 3.59
N ASN A 125 21.37 12.89 2.67
CA ASN A 125 20.76 14.21 2.66
C ASN A 125 19.67 14.34 3.72
N ARG A 126 19.07 13.23 4.11
CA ARG A 126 17.89 13.23 4.95
C ARG A 126 17.83 11.89 5.67
N VAL A 127 17.43 11.89 6.94
CA VAL A 127 17.39 10.66 7.72
C VAL A 127 15.96 10.42 8.18
N LEU A 128 15.41 9.25 7.83
CA LEU A 128 14.12 8.79 8.30
C LEU A 128 14.31 7.65 9.30
N VAL A 129 13.81 7.82 10.51
CA VAL A 129 13.91 6.80 11.55
C VAL A 129 12.58 6.08 11.65
N VAL A 130 12.62 4.76 11.66
CA VAL A 130 11.43 3.94 11.92
C VAL A 130 11.36 3.73 13.42
N ASP A 131 10.37 4.34 14.05
CA ASP A 131 10.27 4.38 15.51
C ASP A 131 9.38 3.24 16.02
N VAL A 132 9.91 2.43 16.93
CA VAL A 132 9.14 1.37 17.55
C VAL A 132 9.55 1.29 19.02
N SER A 133 8.67 0.72 19.82
CA SER A 133 8.92 0.50 21.24
C SER A 133 9.84 -0.71 21.44
N PRO A 134 10.57 -0.77 22.56
CA PRO A 134 11.34 -1.99 22.84
C PRO A 134 10.47 -3.23 22.90
N GLU A 135 9.24 -3.11 23.40
CA GLU A 135 8.32 -4.24 23.42
C GLU A 135 8.05 -4.77 22.01
N THR A 136 7.81 -3.86 21.06
CA THR A 136 7.58 -4.26 19.68
C THR A 136 8.82 -4.94 19.09
N GLN A 137 10.00 -4.35 19.33
CA GLN A 137 11.25 -4.97 18.90
C GLN A 137 11.38 -6.38 19.47
N LEU A 138 11.15 -6.51 20.77
CA LEU A 138 11.27 -7.81 21.41
C LEU A 138 10.30 -8.82 20.80
N LYS A 139 9.04 -8.43 20.67
CA LYS A 139 8.02 -9.32 20.14
C LYS A 139 8.34 -9.74 18.71
N ARG A 140 8.65 -8.77 17.84
CA ARG A 140 8.84 -9.09 16.43
C ARG A 140 10.06 -9.97 16.22
N THR A 141 11.14 -9.70 16.96
CA THR A 141 12.35 -10.49 16.79
C THR A 141 12.14 -11.91 17.29
N MET A 142 11.52 -12.06 18.47
CA MET A 142 11.30 -13.40 19.01
C MET A 142 10.45 -14.24 18.07
N GLN A 143 9.45 -13.62 17.43
CA GLN A 143 8.63 -14.38 16.47
C GLN A 143 9.39 -14.63 15.18
N ARG A 144 10.29 -13.73 14.82
CA ARG A 144 10.99 -13.86 13.55
C ARG A 144 12.13 -14.86 13.63
N ASP A 145 12.93 -14.82 14.70
CA ASP A 145 14.18 -15.57 14.74
C ASP A 145 14.15 -16.81 15.64
N ASP A 146 13.04 -17.05 16.36
CA ASP A 146 12.95 -18.16 17.31
C ASP A 146 14.10 -18.08 18.32
N VAL A 147 14.14 -16.96 19.04
CA VAL A 147 15.19 -16.70 20.02
C VAL A 147 14.57 -16.31 21.34
N THR A 148 15.37 -16.41 22.39
CA THR A 148 14.89 -16.12 23.73
C THR A 148 14.74 -14.62 23.95
N ARG A 149 13.90 -14.26 24.92
CA ARG A 149 13.76 -12.86 25.29
C ARG A 149 15.11 -12.28 25.72
N GLU A 150 15.81 -12.99 26.60
CA GLU A 150 17.11 -12.51 27.08
C GLU A 150 18.08 -12.29 25.93
N HIS A 151 18.01 -13.13 24.89
CA HIS A 151 18.90 -12.94 23.75
C HIS A 151 18.60 -11.64 23.02
N VAL A 152 17.33 -11.27 22.89
CA VAL A 152 17.00 -10.00 22.25
C VAL A 152 17.37 -8.83 23.15
N GLU A 153 17.16 -8.99 24.47
CA GLU A 153 17.56 -7.94 25.42
C GLU A 153 19.01 -7.54 25.23
N GLN A 154 19.89 -8.54 25.05
CA GLN A 154 21.31 -8.25 24.85
C GLN A 154 21.52 -7.44 23.58
N ILE A 155 20.82 -7.80 22.50
CA ILE A 155 20.94 -7.05 21.25
C ILE A 155 20.45 -5.62 21.43
N LEU A 156 19.34 -5.44 22.12
CA LEU A 156 18.80 -4.10 22.35
C LEU A 156 19.76 -3.26 23.19
N ALA A 157 20.39 -3.89 24.19
CA ALA A 157 21.32 -3.15 25.03
C ALA A 157 22.48 -2.61 24.22
N ALA A 158 22.89 -3.32 23.17
CA ALA A 158 24.04 -2.91 22.37
C ALA A 158 23.70 -1.93 21.26
N GLN A 159 22.44 -1.84 20.86
CA GLN A 159 22.05 -0.91 19.80
C GLN A 159 21.80 0.49 20.36
N ALA A 160 21.60 1.43 19.44
CA ALA A 160 21.38 2.81 19.84
C ALA A 160 20.07 2.95 20.61
N THR A 161 20.04 3.94 21.51
CA THR A 161 18.78 4.27 22.16
C THR A 161 17.88 5.02 21.19
N ARG A 162 16.59 5.06 21.50
CA ARG A 162 15.66 5.82 20.67
C ARG A 162 16.05 7.29 20.62
N GLU A 163 16.39 7.85 21.78
CA GLU A 163 16.83 9.24 21.84
C GLU A 163 18.06 9.47 20.97
N ALA A 164 18.93 8.47 20.85
CA ALA A 164 20.10 8.63 20.00
C ALA A 164 19.70 8.67 18.52
N ARG A 165 18.79 7.79 18.11
CA ARG A 165 18.35 7.79 16.72
C ARG A 165 17.69 9.11 16.34
N LEU A 166 16.83 9.63 17.21
CA LEU A 166 16.12 10.87 16.89
C LEU A 166 17.07 12.06 16.82
N ALA A 167 18.20 11.99 17.52
CA ALA A 167 19.15 13.10 17.50
C ALA A 167 19.63 13.38 16.08
N VAL A 168 19.68 12.36 15.24
CA VAL A 168 20.07 12.53 13.85
C VAL A 168 18.89 12.41 12.90
N ALA A 169 17.67 12.27 13.40
CA ALA A 169 16.51 12.10 12.53
C ALA A 169 16.01 13.44 12.02
N ASP A 170 15.70 13.49 10.72
CA ASP A 170 14.90 14.57 10.17
C ASP A 170 13.42 14.24 10.20
N ASP A 171 13.08 12.95 10.03
CA ASP A 171 11.71 12.47 9.99
C ASP A 171 11.63 11.19 10.81
N VAL A 172 10.48 10.98 11.43
CA VAL A 172 10.20 9.79 12.21
CA VAL A 172 10.22 9.76 12.18
C VAL A 172 8.88 9.20 11.72
N ILE A 173 8.79 7.88 11.71
CA ILE A 173 7.53 7.22 11.38
C ILE A 173 7.31 6.10 12.39
N ASP A 174 6.15 6.12 13.05
CA ASP A 174 5.77 5.10 14.02
C ASP A 174 5.41 3.82 13.27
N ASN A 175 6.13 2.73 13.53
CA ASN A 175 5.79 1.45 12.90
C ASN A 175 5.52 0.38 13.96
N ASN A 176 4.91 0.79 15.07
CA ASN A 176 4.56 -0.14 16.15
C ASN A 176 3.34 -0.99 15.82
N GLY A 177 2.46 -0.51 14.97
CA GLY A 177 1.19 -1.16 14.75
C GLY A 177 1.16 -2.01 13.51
N ALA A 178 -0.03 -2.17 12.95
CA ALA A 178 -0.20 -2.91 11.72
C ALA A 178 0.40 -2.12 10.56
N PRO A 179 0.86 -2.81 9.52
CA PRO A 179 1.47 -2.10 8.38
C PRO A 179 0.47 -1.35 7.50
N ASP A 180 -0.83 -1.37 7.83
CA ASP A 180 -1.87 -1.01 6.87
C ASP A 180 -1.77 0.44 6.41
N ALA A 181 -1.54 1.36 7.34
CA ALA A 181 -1.54 2.78 7.02
C ALA A 181 -0.17 3.31 6.58
N ILE A 182 0.87 2.48 6.61
CA ILE A 182 2.21 2.99 6.33
C ILE A 182 2.28 3.59 4.94
N ALA A 183 1.70 2.92 3.94
CA ALA A 183 1.78 3.45 2.57
C ALA A 183 1.19 4.86 2.49
N SER A 184 0.13 5.11 3.26
CA SER A 184 -0.47 6.45 3.26
C SER A 184 0.46 7.47 3.89
N ASP A 185 1.10 7.13 5.02
CA ASP A 185 2.10 8.00 5.62
C ASP A 185 3.29 8.21 4.68
N VAL A 186 3.74 7.14 4.03
CA VAL A 186 4.87 7.23 3.12
C VAL A 186 4.55 8.08 1.90
N ALA A 187 3.29 8.04 1.43
CA ALA A 187 2.89 8.88 0.29
C ALA A 187 3.16 10.36 0.57
N ARG A 188 2.92 10.80 1.81
CA ARG A 188 3.16 12.19 2.17
CA ARG A 188 3.17 12.19 2.15
C ARG A 188 4.65 12.48 2.26
N LEU A 189 5.42 11.58 2.86
CA LEU A 189 6.87 11.73 2.89
C LEU A 189 7.44 11.78 1.49
N HIS A 190 6.96 10.89 0.62
CA HIS A 190 7.45 10.80 -0.75
C HIS A 190 7.28 12.13 -1.49
N ALA A 191 6.10 12.75 -1.36
CA ALA A 191 5.89 14.05 -1.99
C ALA A 191 6.87 15.09 -1.46
N HIS A 192 7.08 15.10 -0.14
CA HIS A 192 8.03 16.01 0.46
C HIS A 192 9.45 15.76 -0.06
N TYR A 193 9.83 14.48 -0.19
CA TYR A 193 11.19 14.15 -0.65
C TYR A 193 11.39 14.49 -2.11
N LEU A 194 10.34 14.35 -2.94
CA LEU A 194 10.45 14.84 -4.32
C LEU A 194 10.74 16.32 -4.33
N GLN A 195 10.08 17.07 -3.43
CA GLN A 195 10.35 18.50 -3.35
C GLN A 195 11.78 18.76 -2.88
N LEU A 196 12.20 18.09 -1.81
CA LEU A 196 13.54 18.30 -1.28
C LEU A 196 14.60 17.90 -2.30
N ALA A 197 14.40 16.76 -2.97
CA ALA A 197 15.35 16.31 -3.98
C ALA A 197 15.46 17.32 -5.11
N SER A 198 14.33 17.93 -5.51
CA SER A 198 14.36 18.85 -6.64
C SER A 198 15.21 20.08 -6.34
N GLN A 199 15.17 20.58 -5.11
CA GLN A 199 15.92 21.80 -4.81
C GLN A 199 17.32 21.54 -4.28
N PHE A 200 17.67 20.29 -4.01
CA PHE A 200 19.01 19.96 -3.52
C PHE A 200 20.09 20.31 -4.55
N MET B 1 -9.20 14.67 2.08
CA MET B 1 -9.45 14.39 0.68
C MET B 1 -8.63 13.20 0.21
N ARG B 2 -9.08 12.00 0.55
CA ARG B 2 -8.40 10.80 0.08
C ARG B 2 -8.68 10.60 -1.41
N TYR B 3 -7.66 10.18 -2.14
CA TYR B 3 -7.76 9.95 -3.57
C TYR B 3 -8.74 8.81 -3.85
N ILE B 4 -9.64 9.01 -4.81
CA ILE B 4 -10.74 8.08 -5.10
C ILE B 4 -10.66 7.64 -6.56
N VAL B 5 -10.56 6.33 -6.78
CA VAL B 5 -10.73 5.73 -8.09
C VAL B 5 -12.09 5.03 -8.09
N ALA B 6 -12.98 5.44 -8.97
CA ALA B 6 -14.26 4.75 -9.12
C ALA B 6 -14.08 3.54 -10.01
N LEU B 7 -14.57 2.39 -9.55
CA LEU B 7 -14.56 1.15 -10.31
C LEU B 7 -15.99 0.88 -10.74
N THR B 8 -16.24 0.88 -12.04
CA THR B 8 -17.61 0.80 -12.53
C THR B 8 -17.72 -0.25 -13.63
N GLY B 9 -18.88 -0.90 -13.68
CA GLY B 9 -19.12 -1.92 -14.68
C GLY B 9 -20.48 -2.54 -14.43
N GLY B 10 -20.99 -3.19 -15.48
CA GLY B 10 -22.33 -3.72 -15.47
C GLY B 10 -22.40 -5.13 -14.90
N ILE B 11 -23.61 -5.69 -14.94
CA ILE B 11 -23.84 -7.02 -14.38
C ILE B 11 -22.98 -8.03 -15.12
N GLY B 12 -22.36 -8.94 -14.38
CA GLY B 12 -21.46 -9.88 -15.02
C GLY B 12 -20.12 -9.31 -15.46
N SER B 13 -19.81 -8.06 -15.12
CA SER B 13 -18.49 -7.55 -15.46
C SER B 13 -17.41 -8.11 -14.54
N GLY B 14 -17.80 -8.73 -13.43
CA GLY B 14 -16.82 -9.25 -12.48
C GLY B 14 -16.07 -8.16 -11.77
N LYS B 15 -16.74 -7.05 -11.46
CA LYS B 15 -16.14 -5.93 -10.72
C LYS B 15 -15.46 -6.42 -9.46
N SER B 16 -16.09 -7.39 -8.78
CA SER B 16 -15.56 -7.85 -7.50
C SER B 16 -14.21 -8.52 -7.66
N THR B 17 -14.01 -9.23 -8.77
CA THR B 17 -12.70 -9.81 -9.10
C THR B 17 -11.64 -8.72 -9.21
N VAL B 18 -11.96 -7.64 -9.91
CA VAL B 18 -11.03 -6.53 -10.04
C VAL B 18 -10.79 -5.87 -8.69
N ALA B 19 -11.88 -5.60 -7.95
CA ALA B 19 -11.71 -4.97 -6.63
C ALA B 19 -10.87 -5.84 -5.71
N ASN B 20 -11.07 -7.17 -5.74
CA ASN B 20 -10.28 -8.06 -4.90
C ASN B 20 -8.79 -7.97 -5.22
N ALA B 21 -8.45 -7.83 -6.51
CA ALA B 21 -7.05 -7.72 -6.90
C ALA B 21 -6.41 -6.46 -6.34
N PHE B 22 -7.14 -5.34 -6.34
CA PHE B 22 -6.64 -4.13 -5.69
C PHE B 22 -6.56 -4.28 -4.18
N ALA B 23 -7.58 -4.89 -3.57
CA ALA B 23 -7.54 -5.15 -2.14
C ALA B 23 -6.33 -5.99 -1.74
N ASP B 24 -5.94 -6.94 -2.60
CA ASP B 24 -4.74 -7.73 -2.33
C ASP B 24 -3.48 -6.88 -2.32
N LEU B 25 -3.49 -5.73 -2.99
CA LEU B 25 -2.37 -4.81 -2.93
C LEU B 25 -2.54 -3.77 -1.82
N GLY B 26 -3.48 -3.98 -0.91
CA GLY B 26 -3.65 -3.12 0.25
C GLY B 26 -4.66 -1.99 0.13
N ILE B 27 -5.52 -2.02 -0.88
CA ILE B 27 -6.44 -0.90 -1.14
C ILE B 27 -7.78 -1.20 -0.47
N ASN B 28 -8.29 -0.23 0.29
CA ASN B 28 -9.61 -0.37 0.89
C ASN B 28 -10.69 -0.16 -0.17
N VAL B 29 -11.68 -1.04 -0.19
CA VAL B 29 -12.73 -1.02 -1.22
C VAL B 29 -14.01 -0.54 -0.55
N ILE B 30 -14.59 0.53 -1.10
CA ILE B 30 -15.86 1.09 -0.62
C ILE B 30 -16.93 0.74 -1.65
N ASP B 31 -17.91 -0.05 -1.24
CA ASP B 31 -18.92 -0.58 -2.15
C ASP B 31 -20.21 0.24 -2.02
N ALA B 32 -20.61 0.91 -3.10
CA ALA B 32 -21.78 1.78 -3.05
C ALA B 32 -23.04 1.02 -2.66
N ASP B 33 -23.17 -0.21 -3.15
CA ASP B 33 -24.31 -1.07 -2.79
C ASP B 33 -24.42 -1.25 -1.29
N ILE B 34 -23.30 -1.56 -0.64
CA ILE B 34 -23.30 -1.77 0.81
C ILE B 34 -23.66 -0.48 1.54
N ILE B 35 -23.07 0.64 1.11
CA ILE B 35 -23.38 1.92 1.75
C ILE B 35 -24.88 2.21 1.63
N ALA B 36 -25.45 2.01 0.44
CA ALA B 36 -26.86 2.32 0.25
C ALA B 36 -27.73 1.47 1.16
N ARG B 37 -27.36 0.21 1.38
CA ARG B 37 -28.10 -0.62 2.30
C ARG B 37 -27.88 -0.17 3.74
N GLN B 38 -26.67 0.31 4.06
CA GLN B 38 -26.37 0.75 5.41
C GLN B 38 -27.25 1.91 5.86
N VAL B 39 -27.50 2.87 4.96
CA VAL B 39 -28.27 4.06 5.29
CA VAL B 39 -28.25 4.04 5.40
C VAL B 39 -29.72 3.75 5.66
N VAL B 40 -30.24 2.60 5.23
CA VAL B 40 -31.62 2.24 5.56
C VAL B 40 -31.68 0.95 6.39
N GLU B 41 -30.59 0.56 7.03
CA GLU B 41 -30.57 -0.69 7.79
C GLU B 41 -31.40 -0.55 9.07
N PRO B 42 -31.79 -1.67 9.70
CA PRO B 42 -32.53 -1.58 10.97
C PRO B 42 -31.84 -0.62 11.93
N GLY B 43 -32.62 0.26 12.54
CA GLY B 43 -32.11 1.27 13.44
C GLY B 43 -31.65 2.55 12.79
N ALA B 44 -31.46 2.59 11.47
CA ALA B 44 -30.96 3.80 10.84
C ALA B 44 -32.05 4.88 10.82
N PRO B 45 -31.68 6.14 10.99
CA PRO B 45 -32.67 7.22 10.93
C PRO B 45 -33.48 7.23 9.64
N ALA B 46 -32.84 6.95 8.49
CA ALA B 46 -33.57 7.01 7.23
C ALA B 46 -34.66 5.94 7.16
N LEU B 47 -34.40 4.76 7.71
CA LEU B 47 -35.42 3.73 7.76
C LEU B 47 -36.63 4.21 8.56
N HIS B 48 -36.38 4.80 9.73
CA HIS B 48 -37.48 5.31 10.54
C HIS B 48 -38.24 6.41 9.81
N ALA B 49 -37.51 7.33 9.16
CA ALA B 49 -38.16 8.39 8.41
C ALA B 49 -39.03 7.84 7.29
N ILE B 50 -38.56 6.80 6.60
CA ILE B 50 -39.33 6.19 5.53
C ILE B 50 -40.60 5.55 6.08
N ALA B 51 -40.48 4.78 7.17
CA ALA B 51 -41.67 4.15 7.73
C ALA B 51 -42.63 5.21 8.28
N ASP B 52 -42.09 6.30 8.83
CA ASP B 52 -42.96 7.36 9.35
C ASP B 52 -43.68 8.08 8.22
N HIS B 53 -43.01 8.26 7.07
CA HIS B 53 -43.57 9.02 5.98
C HIS B 53 -44.54 8.18 5.13
N PHE B 54 -44.19 6.94 4.86
CA PHE B 54 -45.00 6.09 4.00
C PHE B 54 -45.82 5.04 4.74
N GLY B 55 -45.49 4.72 5.98
CA GLY B 55 -46.26 3.73 6.71
C GLY B 55 -45.44 2.55 7.15
N ALA B 56 -45.90 1.83 8.18
CA ALA B 56 -45.09 0.77 8.77
C ALA B 56 -44.89 -0.41 7.82
N ASN B 57 -45.75 -0.53 6.82
CA ASN B 57 -45.58 -1.57 5.81
C ASN B 57 -44.32 -1.40 4.97
N MET B 58 -43.60 -0.28 5.11
CA MET B 58 -42.33 -0.13 4.44
C MET B 58 -41.23 -0.96 5.07
N ILE B 59 -41.49 -1.57 6.23
CA ILE B 59 -40.48 -2.37 6.93
C ILE B 59 -40.91 -3.83 6.87
N ALA B 60 -40.01 -4.68 6.40
CA ALA B 60 -40.29 -6.10 6.21
C ALA B 60 -40.27 -6.84 7.55
N ALA B 61 -40.71 -8.09 7.51
CA ALA B 61 -40.77 -8.89 8.73
C ALA B 61 -39.40 -9.05 9.37
N ASP B 62 -38.34 -9.07 8.56
CA ASP B 62 -36.99 -9.16 9.12
C ASP B 62 -36.44 -7.82 9.56
N GLY B 63 -37.22 -6.75 9.51
CA GLY B 63 -36.77 -5.45 9.97
C GLY B 63 -36.13 -4.57 8.94
N THR B 64 -35.90 -5.06 7.73
CA THR B 64 -35.25 -4.28 6.69
C THR B 64 -36.29 -3.56 5.85
N LEU B 65 -35.79 -2.66 5.01
CA LEU B 65 -36.66 -1.88 4.12
C LEU B 65 -37.34 -2.81 3.12
N GLN B 66 -38.65 -2.63 2.96
CA GLN B 66 -39.42 -3.40 1.98
C GLN B 66 -39.30 -2.67 0.65
N ARG B 67 -38.24 -2.99 -0.09
CA ARG B 67 -37.88 -2.18 -1.26
C ARG B 67 -38.98 -2.23 -2.32
N ARG B 68 -39.65 -3.37 -2.47
CA ARG B 68 -40.71 -3.47 -3.47
C ARG B 68 -41.92 -2.63 -3.08
N ALA B 69 -42.32 -2.69 -1.81
CA ALA B 69 -43.43 -1.85 -1.38
C ALA B 69 -43.13 -0.37 -1.58
N LEU B 70 -41.90 0.04 -1.30
CA LEU B 70 -41.53 1.45 -1.46
C LEU B 70 -41.52 1.86 -2.93
N ARG B 71 -40.96 1.01 -3.80
CA ARG B 71 -40.96 1.32 -5.24
C ARG B 71 -42.38 1.46 -5.76
N GLU B 72 -43.28 0.55 -5.39
CA GLU B 72 -44.66 0.62 -5.85
C GLU B 72 -45.36 1.87 -5.34
N ARG B 73 -45.04 2.27 -4.11
CA ARG B 73 -45.65 3.45 -3.52
C ARG B 73 -45.21 4.73 -4.24
N ILE B 74 -43.94 4.82 -4.64
CA ILE B 74 -43.42 6.04 -5.25
C ILE B 74 -43.48 6.01 -6.76
N PHE B 75 -43.92 4.91 -7.36
CA PHE B 75 -43.96 4.85 -8.80
C PHE B 75 -44.94 5.88 -9.34
N ALA B 76 -44.51 6.59 -10.37
CA ALA B 76 -45.34 7.61 -11.03
C ALA B 76 -45.82 8.65 -10.04
N ASN B 77 -45.05 8.91 -9.00
CA ASN B 77 -45.35 9.95 -8.03
C ASN B 77 -44.09 10.80 -7.89
N PRO B 78 -43.92 11.79 -8.75
CA PRO B 78 -42.66 12.55 -8.75
C PRO B 78 -42.39 13.23 -7.42
N GLU B 79 -43.44 13.68 -6.72
CA GLU B 79 -43.25 14.35 -5.44
C GLU B 79 -42.67 13.39 -4.39
N GLU B 80 -43.13 12.14 -4.39
CA GLU B 80 -42.60 11.20 -3.40
C GLU B 80 -41.21 10.71 -3.78
N LYS B 81 -40.95 10.54 -5.09
CA LYS B 81 -39.59 10.23 -5.51
C LYS B 81 -38.64 11.35 -5.12
N ASN B 82 -39.07 12.60 -5.31
CA ASN B 82 -38.25 13.73 -4.86
C ASN B 82 -38.04 13.71 -3.36
N TRP B 83 -39.11 13.41 -2.59
CA TRP B 83 -38.97 13.34 -1.14
C TRP B 83 -37.95 12.28 -0.75
N LEU B 84 -38.02 11.11 -1.38
CA LEU B 84 -37.11 10.02 -1.04
C LEU B 84 -35.68 10.37 -1.43
N ASN B 85 -35.49 10.92 -2.62
CA ASN B 85 -34.14 11.33 -3.04
C ASN B 85 -33.57 12.39 -2.11
N ALA B 86 -34.40 13.35 -1.68
CA ALA B 86 -33.91 14.40 -0.80
C ALA B 86 -33.54 13.85 0.57
N LEU B 87 -34.12 12.73 0.97
CA LEU B 87 -33.74 12.09 2.22
C LEU B 87 -32.44 11.29 2.06
N LEU B 88 -32.38 10.44 1.03
CA LEU B 88 -31.31 9.45 0.95
C LEU B 88 -30.03 10.01 0.37
N HIS B 89 -30.13 10.90 -0.62
CA HIS B 89 -28.93 11.32 -1.34
C HIS B 89 -27.91 11.98 -0.43
N PRO B 90 -28.26 12.93 0.44
CA PRO B 90 -27.24 13.48 1.34
C PRO B 90 -26.71 12.47 2.34
N LEU B 91 -27.55 11.54 2.79
CA LEU B 91 -27.10 10.55 3.76
C LEU B 91 -26.13 9.57 3.13
N ILE B 92 -26.41 9.15 1.90
CA ILE B 92 -25.48 8.26 1.19
C ILE B 92 -24.18 8.99 0.90
N GLN B 93 -24.27 10.24 0.49
CA GLN B 93 -23.06 11.01 0.22
C GLN B 93 -22.22 11.18 1.48
N GLN B 94 -22.86 11.47 2.61
CA GLN B 94 -22.11 11.63 3.85
C GLN B 94 -21.48 10.31 4.31
N GLU B 95 -22.24 9.22 4.25
CA GLU B 95 -21.70 7.94 4.72
C GLU B 95 -20.53 7.51 3.85
N THR B 96 -20.64 7.73 2.53
CA THR B 96 -19.56 7.38 1.62
C THR B 96 -18.32 8.21 1.94
N GLN B 97 -18.50 9.52 2.10
CA GLN B 97 -17.38 10.42 2.41
C GLN B 97 -16.70 10.04 3.73
N HIS B 98 -17.49 9.69 4.76
CA HIS B 98 -16.88 9.30 6.03
C HIS B 98 -16.08 8.01 5.88
N GLN B 99 -16.65 6.99 5.23
CA GLN B 99 -15.90 5.75 5.11
C GLN B 99 -14.67 5.92 4.22
N ILE B 100 -14.71 6.81 3.23
CA ILE B 100 -13.52 7.05 2.44
C ILE B 100 -12.43 7.70 3.29
N GLN B 101 -12.81 8.67 4.12
CA GLN B 101 -11.85 9.32 5.01
C GLN B 101 -11.27 8.34 6.03
N GLN B 102 -12.11 7.40 6.50
CA GLN B 102 -11.68 6.43 7.50
C GLN B 102 -10.82 5.31 6.94
N ALA B 103 -10.81 5.11 5.62
CA ALA B 103 -9.93 4.11 5.01
C ALA B 103 -8.46 4.46 5.30
N THR B 104 -7.62 3.43 5.39
CA THR B 104 -6.21 3.65 5.70
C THR B 104 -5.31 3.57 4.47
N SER B 105 -5.83 3.08 3.35
CA SER B 105 -5.01 2.86 2.18
C SER B 105 -4.70 4.18 1.48
N PRO B 106 -3.63 4.25 0.68
CA PRO B 106 -3.23 5.53 0.09
C PRO B 106 -4.19 6.06 -0.96
N TYR B 107 -5.07 5.21 -1.49
CA TYR B 107 -6.26 5.68 -2.18
C TYR B 107 -7.34 4.63 -1.96
N VAL B 108 -8.57 4.95 -2.36
CA VAL B 108 -9.66 4.00 -2.22
C VAL B 108 -10.23 3.69 -3.58
N LEU B 109 -10.83 2.51 -3.66
CA LEU B 109 -11.61 2.06 -4.79
C LEU B 109 -13.08 2.18 -4.40
N TRP B 110 -13.82 3.03 -5.11
CA TRP B 110 -15.26 3.21 -4.88
C TRP B 110 -16.02 2.46 -5.98
N VAL B 111 -16.67 1.36 -5.61
CA VAL B 111 -17.25 0.42 -6.56
C VAL B 111 -18.70 0.78 -6.78
N VAL B 112 -19.05 1.15 -8.01
CA VAL B 112 -20.37 1.64 -8.38
C VAL B 112 -20.87 0.90 -9.60
N PRO B 113 -22.18 0.68 -9.71
CA PRO B 113 -22.72 0.17 -10.96
C PRO B 113 -22.57 1.19 -12.08
N LEU B 114 -22.95 0.84 -13.30
CA LEU B 114 -22.90 1.80 -14.40
C LEU B 114 -23.92 2.89 -14.14
N LEU B 115 -23.44 4.10 -13.86
CA LEU B 115 -24.33 5.18 -13.47
C LEU B 115 -24.93 5.83 -14.72
N VAL B 116 -26.13 6.39 -14.54
CA VAL B 116 -26.96 6.82 -15.67
C VAL B 116 -26.30 7.97 -16.43
N GLU B 117 -25.80 8.96 -15.70
CA GLU B 117 -25.11 10.11 -16.28
C GLU B 117 -23.72 10.19 -15.67
N ASN B 118 -22.78 10.68 -16.47
CA ASN B 118 -21.40 10.81 -16.02
C ASN B 118 -21.26 11.73 -14.79
N SER B 119 -22.35 12.31 -14.29
CA SER B 119 -22.24 13.39 -13.32
C SER B 119 -21.82 12.88 -11.94
N LEU B 120 -22.39 11.77 -11.47
CA LEU B 120 -21.98 11.28 -10.15
C LEU B 120 -20.53 10.81 -10.12
N TYR B 121 -19.96 10.43 -11.27
CA TYR B 121 -18.56 10.04 -11.27
C TYR B 121 -17.62 11.21 -10.95
N LYS B 122 -18.08 12.45 -11.14
CA LYS B 122 -17.24 13.62 -10.90
C LYS B 122 -16.73 13.72 -9.47
N LYS B 123 -17.30 12.96 -8.53
CA LYS B 123 -16.79 12.93 -7.17
C LYS B 123 -15.51 12.10 -7.07
N ALA B 124 -15.20 11.30 -8.08
CA ALA B 124 -13.98 10.52 -8.07
C ALA B 124 -12.86 11.28 -8.77
N ASN B 125 -11.61 10.96 -8.38
CA ASN B 125 -10.47 11.51 -9.10
C ASN B 125 -10.32 10.89 -10.48
N ARG B 126 -10.64 9.60 -10.59
CA ARG B 126 -10.50 8.87 -11.84
C ARG B 126 -11.56 7.79 -11.89
N VAL B 127 -11.96 7.44 -13.11
CA VAL B 127 -12.94 6.39 -13.33
C VAL B 127 -12.24 5.25 -14.08
N LEU B 128 -12.27 4.07 -13.47
CA LEU B 128 -11.79 2.84 -14.09
C LEU B 128 -13.01 2.03 -14.49
N VAL B 129 -13.20 1.84 -15.79
CA VAL B 129 -14.34 1.09 -16.32
C VAL B 129 -13.90 -0.35 -16.57
N VAL B 130 -14.71 -1.30 -16.13
CA VAL B 130 -14.44 -2.70 -16.40
C VAL B 130 -15.14 -3.06 -17.70
N ASP B 131 -14.33 -3.34 -18.73
CA ASP B 131 -14.85 -3.64 -20.06
C ASP B 131 -15.02 -5.14 -20.21
N VAL B 132 -16.23 -5.57 -20.60
CA VAL B 132 -16.50 -6.98 -20.88
C VAL B 132 -17.48 -7.05 -22.03
N SER B 133 -17.43 -8.17 -22.76
CA SER B 133 -18.40 -8.42 -23.81
C SER B 133 -19.73 -8.83 -23.18
N PRO B 134 -20.85 -8.60 -23.90
CA PRO B 134 -22.12 -9.07 -23.36
C PRO B 134 -22.19 -10.59 -23.32
N GLU B 135 -21.46 -11.29 -24.19
CA GLU B 135 -21.38 -12.74 -24.06
C GLU B 135 -20.79 -13.14 -22.72
N THR B 136 -19.73 -12.46 -22.29
CA THR B 136 -19.14 -12.73 -20.99
C THR B 136 -20.13 -12.41 -19.86
N GLN B 137 -20.80 -11.26 -19.95
CA GLN B 137 -21.75 -10.86 -18.92
C GLN B 137 -22.81 -11.93 -18.72
N LEU B 138 -23.34 -12.46 -19.81
CA LEU B 138 -24.42 -13.42 -19.70
C LEU B 138 -23.92 -14.75 -19.18
N LYS B 139 -22.74 -15.17 -19.64
CA LYS B 139 -22.19 -16.43 -19.16
C LYS B 139 -21.92 -16.38 -17.67
N ARG B 140 -21.39 -15.26 -17.16
CA ARG B 140 -21.17 -15.14 -15.72
C ARG B 140 -22.48 -15.11 -14.96
N THR B 141 -23.50 -14.47 -15.54
CA THR B 141 -24.79 -14.41 -14.89
C THR B 141 -25.43 -15.79 -14.82
N MET B 142 -25.26 -16.58 -15.89
CA MET B 142 -25.69 -17.98 -15.86
C MET B 142 -24.93 -18.76 -14.79
N GLN B 143 -23.62 -18.58 -14.71
CA GLN B 143 -22.85 -19.34 -13.74
C GLN B 143 -23.28 -19.00 -12.31
N ARG B 144 -23.77 -17.78 -12.09
CA ARG B 144 -24.24 -17.33 -10.78
C ARG B 144 -25.71 -17.69 -10.53
N ASP B 145 -26.35 -18.38 -11.47
CA ASP B 145 -27.77 -18.69 -11.42
C ASP B 145 -28.59 -17.42 -11.22
N ASP B 146 -28.23 -16.38 -11.96
CA ASP B 146 -28.80 -15.05 -11.79
C ASP B 146 -29.55 -14.59 -13.03
N VAL B 147 -29.90 -15.52 -13.92
CA VAL B 147 -30.64 -15.16 -15.13
C VAL B 147 -32.07 -14.79 -14.75
N THR B 148 -32.49 -13.59 -15.13
CA THR B 148 -33.87 -13.15 -15.06
C THR B 148 -34.12 -12.34 -16.32
N ARG B 149 -35.39 -12.11 -16.64
CA ARG B 149 -35.69 -11.29 -17.81
C ARG B 149 -35.04 -9.93 -17.69
N GLU B 150 -35.15 -9.31 -16.51
CA GLU B 150 -34.54 -7.99 -16.30
C GLU B 150 -33.03 -8.03 -16.46
N HIS B 151 -32.37 -9.10 -15.98
CA HIS B 151 -30.92 -9.14 -16.11
C HIS B 151 -30.50 -9.37 -17.55
N VAL B 152 -31.27 -10.17 -18.30
CA VAL B 152 -30.94 -10.33 -19.72
C VAL B 152 -31.11 -8.99 -20.44
N GLU B 153 -32.20 -8.28 -20.13
CA GLU B 153 -32.40 -6.96 -20.75
C GLU B 153 -31.26 -6.00 -20.42
N GLN B 154 -30.79 -5.99 -19.17
CA GLN B 154 -29.71 -5.09 -18.81
C GLN B 154 -28.46 -5.40 -19.61
N ILE B 155 -28.20 -6.68 -19.87
CA ILE B 155 -27.01 -7.06 -20.64
C ILE B 155 -27.18 -6.64 -22.09
N LEU B 156 -28.35 -6.89 -22.67
CA LEU B 156 -28.60 -6.49 -24.06
C LEU B 156 -28.57 -4.98 -24.23
N ALA B 157 -28.92 -4.23 -23.20
CA ALA B 157 -28.88 -2.77 -23.32
C ALA B 157 -27.47 -2.21 -23.20
N ALA B 158 -26.50 -3.02 -22.78
CA ALA B 158 -25.15 -2.51 -22.51
C ALA B 158 -24.54 -1.88 -23.76
N GLN B 159 -24.79 -2.47 -24.93
CA GLN B 159 -24.14 -2.02 -26.16
C GLN B 159 -24.51 -0.59 -26.52
N ALA B 160 -25.70 -0.13 -26.10
CA ALA B 160 -26.14 1.22 -26.47
C ALA B 160 -25.14 2.28 -26.00
N THR B 161 -24.49 2.08 -24.87
CA THR B 161 -23.61 3.09 -24.35
C THR B 161 -22.19 2.60 -24.17
N ARG B 162 -21.90 1.36 -24.59
CA ARG B 162 -20.63 0.76 -24.21
C ARG B 162 -19.45 1.59 -24.71
N GLU B 163 -19.43 1.94 -26.00
CA GLU B 163 -18.27 2.65 -26.53
C GLU B 163 -18.18 4.06 -25.95
N ALA B 164 -19.32 4.73 -25.75
CA ALA B 164 -19.28 6.07 -25.17
C ALA B 164 -18.68 6.04 -23.77
N ARG B 165 -19.03 5.02 -22.97
CA ARG B 165 -18.46 4.89 -21.63
C ARG B 165 -16.96 4.65 -21.66
N LEU B 166 -16.50 3.82 -22.60
CA LEU B 166 -15.06 3.60 -22.72
C LEU B 166 -14.33 4.87 -23.11
N ALA B 167 -14.92 5.68 -24.01
CA ALA B 167 -14.22 6.87 -24.48
C ALA B 167 -14.05 7.91 -23.38
N VAL B 168 -14.98 7.99 -22.41
CA VAL B 168 -14.90 9.01 -21.38
C VAL B 168 -14.20 8.52 -20.12
N ALA B 169 -13.99 7.21 -19.97
CA ALA B 169 -13.28 6.69 -18.82
C ALA B 169 -11.84 7.19 -18.80
N ASP B 170 -11.30 7.35 -17.59
CA ASP B 170 -9.87 7.61 -17.45
C ASP B 170 -9.06 6.36 -17.73
N ASP B 171 -9.50 5.23 -17.16
CA ASP B 171 -8.82 3.94 -17.31
C ASP B 171 -9.86 2.90 -17.69
N VAL B 172 -9.44 1.90 -18.46
CA VAL B 172 -10.28 0.78 -18.83
C VAL B 172 -9.50 -0.50 -18.52
N ILE B 173 -10.17 -1.52 -18.00
CA ILE B 173 -9.55 -2.82 -17.84
C ILE B 173 -10.44 -3.89 -18.45
N ASP B 174 -9.87 -4.70 -19.33
CA ASP B 174 -10.54 -5.84 -19.96
C ASP B 174 -10.65 -6.99 -18.96
N ASN B 175 -11.87 -7.36 -18.57
CA ASN B 175 -12.06 -8.47 -17.63
C ASN B 175 -12.82 -9.63 -18.25
N ASN B 176 -12.62 -9.88 -19.54
CA ASN B 176 -13.24 -11.04 -20.17
C ASN B 176 -12.59 -12.35 -19.74
N GLY B 177 -11.37 -12.32 -19.21
CA GLY B 177 -10.65 -13.54 -18.85
C GLY B 177 -10.83 -13.93 -17.40
N ALA B 178 -9.97 -14.85 -16.96
CA ALA B 178 -9.87 -15.24 -15.55
C ALA B 178 -9.17 -14.16 -14.75
N PRO B 179 -9.29 -14.20 -13.41
CA PRO B 179 -8.58 -13.19 -12.59
C PRO B 179 -7.08 -13.14 -12.82
N ASP B 180 -6.42 -14.27 -13.06
CA ASP B 180 -4.97 -14.20 -13.20
C ASP B 180 -4.57 -13.45 -14.47
N ALA B 181 -5.48 -13.29 -15.43
CA ALA B 181 -5.13 -12.62 -16.68
C ALA B 181 -4.84 -11.13 -16.49
N ILE B 182 -5.37 -10.50 -15.45
CA ILE B 182 -5.23 -9.06 -15.27
C ILE B 182 -4.34 -8.69 -14.10
N ALA B 183 -3.71 -9.68 -13.45
CA ALA B 183 -2.89 -9.37 -12.27
C ALA B 183 -1.82 -8.33 -12.57
N SER B 184 -1.13 -8.44 -13.71
CA SER B 184 -0.07 -7.48 -14.02
CA SER B 184 -0.08 -7.49 -14.03
C SER B 184 -0.64 -6.12 -14.40
N ASP B 185 -1.82 -6.07 -15.01
CA ASP B 185 -2.39 -4.78 -15.32
C ASP B 185 -2.85 -4.06 -14.06
N VAL B 186 -3.45 -4.81 -13.13
CA VAL B 186 -3.87 -4.20 -11.86
C VAL B 186 -2.65 -3.65 -11.13
N ALA B 187 -1.53 -4.39 -11.16
CA ALA B 187 -0.30 -3.90 -10.52
C ALA B 187 0.19 -2.60 -11.17
N ARG B 188 0.16 -2.52 -12.49
CA ARG B 188 0.52 -1.29 -13.18
C ARG B 188 -0.42 -0.14 -12.83
N LEU B 189 -1.73 -0.37 -12.86
CA LEU B 189 -2.66 0.69 -12.51
C LEU B 189 -2.45 1.14 -11.06
N HIS B 190 -2.31 0.17 -10.16
CA HIS B 190 -2.02 0.46 -8.75
C HIS B 190 -0.78 1.33 -8.60
N ALA B 191 0.32 0.96 -9.28
CA ALA B 191 1.54 1.77 -9.21
C ALA B 191 1.28 3.19 -9.68
N HIS B 192 0.46 3.35 -10.73
CA HIS B 192 0.14 4.69 -11.23
C HIS B 192 -0.73 5.46 -10.25
N TYR B 193 -1.76 4.79 -9.70
CA TYR B 193 -2.63 5.44 -8.73
C TYR B 193 -1.87 5.89 -7.48
N LEU B 194 -0.92 5.07 -7.01
CA LEU B 194 -0.10 5.47 -5.87
C LEU B 194 0.60 6.80 -6.11
N GLN B 195 1.16 6.98 -7.31
CA GLN B 195 1.85 8.23 -7.60
CA GLN B 195 1.84 8.22 -7.65
C GLN B 195 0.87 9.39 -7.71
N LEU B 196 -0.27 9.19 -8.40
CA LEU B 196 -1.27 10.24 -8.50
C LEU B 196 -1.85 10.59 -7.13
N ALA B 197 -2.08 9.59 -6.28
CA ALA B 197 -2.59 9.87 -4.95
C ALA B 197 -1.57 10.66 -4.13
N SER B 198 -0.29 10.28 -4.22
CA SER B 198 0.74 11.04 -3.52
C SER B 198 0.78 12.50 -3.99
N GLN B 199 0.74 12.72 -5.30
CA GLN B 199 0.70 14.09 -5.82
C GLN B 199 -0.51 14.85 -5.33
N PHE B 200 -1.66 14.18 -5.31
CA PHE B 200 -2.93 14.84 -5.00
C PHE B 200 -2.99 15.27 -3.54
N VAL B 201 -2.53 14.42 -2.63
CA VAL B 201 -2.59 14.78 -1.21
C VAL B 201 -1.52 15.78 -0.82
N SER B 202 -0.52 16.00 -1.68
CA SER B 202 0.42 17.09 -1.44
C SER B 202 -0.10 18.41 -1.97
N GLN B 203 -0.92 18.37 -3.01
CA GLN B 203 -1.51 19.56 -3.61
C GLN B 203 -2.78 19.96 -2.88
C1 CIT C . 15.80 -6.85 11.66
O1 CIT C . 16.95 -7.31 11.44
O2 CIT C . 15.68 -5.83 12.36
C2 CIT C . 14.58 -7.52 11.06
C3 CIT C . 13.84 -6.56 10.14
O7 CIT C . 14.81 -5.99 9.21
C4 CIT C . 12.72 -7.28 9.40
C5 CIT C . 12.03 -6.37 8.42
O3 CIT C . 12.56 -5.29 8.05
O4 CIT C . 10.89 -6.67 7.99
C6 CIT C . 13.21 -5.44 10.98
O5 CIT C . 13.60 -4.25 10.87
O6 CIT C . 12.31 -5.71 11.79
C14 BQV D . 28.55 6.09 -0.62
C14 BQV D . 28.59 6.22 -0.63
C15 BQV D . 27.62 6.79 -1.49
C15 BQV D . 27.65 6.88 -1.51
C16 BQV D . 26.48 7.15 -0.88
C16 BQV D . 26.50 7.20 -0.91
C18 BQV D . 30.55 2.75 2.75
C18 BQV D . 30.70 2.72 3.04
C19 BQV D . 31.47 2.15 3.58
C19 BQV D . 31.23 2.02 4.11
C20 BQV D . 31.05 1.41 4.67
C20 BQV D . 30.40 1.29 4.95
C02 BQV D . 29.17 0.51 6.08
C02 BQV D . 28.02 0.53 5.48
C05 BQV D . 28.31 -1.94 8.11
C05 BQV D . 28.35 -2.23 8.48
C08 BQV D . 29.69 1.29 4.91
C08 BQV D . 29.04 1.26 4.69
C09 BQV D . 28.76 1.89 4.08
C09 BQV D . 28.52 1.95 3.61
C10 BQV D . 29.19 2.62 2.98
C10 BQV D . 29.34 2.68 2.78
C11 BQV D . 28.25 3.31 2.04
C11 BQV D . 28.76 3.43 1.62
C13 BQV D . 28.10 5.91 0.62
C13 BQV D . 28.14 6.05 0.61
N03 BQV D . 27.98 -0.16 5.89
N03 BQV D . 28.44 -0.47 6.33
O01 BQV D . 29.80 0.47 7.12
O01 BQV D . 26.84 0.78 5.38
O06 BQV D . 26.51 -2.23 6.02
O06 BQV D . 26.71 -2.33 6.19
O07 BQV D . 26.08 -0.28 7.83
O07 BQV D . 26.32 -0.37 8.01
S04 BQV D . 27.10 -1.14 6.99
S04 BQV D . 27.31 -1.35 7.27
S12 BQV D . 28.95 5.10 1.99
S12 BQV D . 29.01 5.29 1.99
S17 BQV D . 26.45 6.63 0.82
S17 BQV D . 26.48 6.72 0.80
C1 EDO E . 12.62 -3.74 -2.31
O1 EDO E . 13.05 -2.87 -3.36
C2 EDO E . 13.13 -3.21 -0.97
O2 EDO E . 12.06 -2.63 -0.24
C1 EDO F . 4.62 4.89 21.45
O1 EDO F . 3.83 3.72 21.72
C2 EDO F . 4.05 6.08 22.21
O2 EDO F . 2.78 6.48 21.66
C1 EDO G . 47.78 -1.18 5.70
O1 EDO G . 47.68 -2.25 6.64
C2 EDO G . 46.38 -0.63 5.44
O2 EDO G . 45.75 -0.36 6.69
C1 EDO H . 32.09 -8.80 10.28
O1 EDO H . 33.08 -9.19 11.22
C2 EDO H . 32.64 -7.73 9.35
O2 EDO H . 31.73 -7.52 8.26
C1 CIT I . -19.47 -9.24 -9.15
O1 CIT I . -18.81 -8.17 -9.19
O2 CIT I . -18.85 -10.30 -8.92
C2 CIT I . -20.96 -9.28 -9.37
C3 CIT I . -21.42 -8.14 -10.28
O7 CIT I . -21.33 -6.89 -9.54
C4 CIT I . -22.83 -8.36 -10.83
C5 CIT I . -23.87 -8.00 -9.82
O3 CIT I . -24.01 -6.81 -9.44
O4 CIT I . -24.63 -8.87 -9.34
C6 CIT I . -20.50 -8.07 -11.48
O5 CIT I . -19.98 -6.98 -11.81
O6 CIT I . -20.26 -9.10 -12.14
C14 BQV J . -19.09 11.23 -2.11
C15 BQV J . -17.68 11.05 -1.88
C16 BQV J . -17.09 10.25 -2.77
C18 BQV J . -24.08 9.92 -3.29
C19 BQV J . -25.44 10.00 -3.49
C20 BQV J . -26.11 8.93 -4.05
C02 BQV J . -26.07 6.61 -5.02
C05 BQV J . -27.92 3.88 -4.87
C08 BQV J . -25.40 7.79 -4.41
C09 BQV J . -24.03 7.72 -4.20
C10 BQV J . -23.36 8.79 -3.64
C11 BQV J . -21.88 8.77 -3.40
C13 BQV J . -19.56 10.57 -3.17
N03 BQV J . -25.56 5.37 -4.72
O01 BQV J . -27.06 6.73 -5.72
O06 BQV J . -25.38 2.81 -4.42
O07 BQV J . -25.94 3.79 -6.86
S04 BQV J . -26.15 3.86 -5.30
S12 BQV J . -21.27 10.54 -3.80
S17 BQV J . -18.25 9.64 -3.99
C1 EDO K . -16.28 -3.82 0.48
O1 EDO K . -14.99 -3.73 1.10
C2 EDO K . -16.51 -5.26 0.01
O2 EDO K . -16.25 -6.17 1.09
C1 EDO L . -12.23 12.12 -13.64
O1 EDO L . -12.90 11.28 -14.60
C2 EDO L . -13.28 12.88 -12.86
O2 EDO L . -14.36 11.97 -12.57
C1 EDO M . -26.07 -2.64 5.26
O1 EDO M . -26.63 -3.37 6.36
C2 EDO M . -25.07 -3.43 4.44
O2 EDO M . -25.65 -4.69 4.03
C1 EDO N . -36.67 15.03 3.31
O1 EDO N . -37.19 14.25 2.22
C2 EDO N . -36.93 14.31 4.63
O2 EDO N . -35.75 14.42 5.44
#